data_7Q3P
#
_entry.id   7Q3P
#
_cell.length_a   96.408
_cell.length_b   87.935
_cell.length_c   106.093
_cell.angle_alpha   90.000
_cell.angle_beta   114.041
_cell.angle_gamma   90.000
#
_symmetry.space_group_name_H-M   'C 1 2 1'
#
loop_
_entity.id
_entity.type
_entity.pdbx_description
1 polymer IgG1-Fc-MST-HN
2 branched alpha-L-fucopyranose-(1-6)-2-acetamido-2-deoxy-beta-D-glucopyranose
3 branched 2-acetamido-2-deoxy-beta-D-glucopyranose-(1-2)-alpha-D-mannopyranose-(1-6)-beta-D-mannopyranose-(1-4)-2-acetamido-2-deoxy-beta-D-glucopyranose
4 branched 2-acetamido-2-deoxy-beta-D-glucopyranose-(1-2)-alpha-D-mannopyranose
5 branched alpha-D-mannopyranose-(1-2)-alpha-D-mannopyranose-(1-3)-beta-D-mannopyranose-(1-4)-2-acetamido-2-deoxy-beta-D-glucopyranose
6 non-polymer 2-acetamido-2-deoxy-beta-D-glucopyranose
7 non-polymer beta-D-mannopyranose
8 non-polymer alpha-D-mannopyranose
9 non-polymer alpha-L-fucopyranose
10 water water
#
_entity_poly.entity_id   1
_entity_poly.type   'polypeptide(L)'
_entity_poly.pdbx_seq_one_letter_code
;DKTHTCPPCPAPELLGGPSVFLFPPKPKDTLYITREPEVTCVVVDVSHEDPEVKFNWYVDGVEVHNAKTKPREEQYNSTY
RVVSVLTVLHQDWLNGKEYKCKVSNKALPAPIEKTISKAKGQPREPQVYTLPPSRDELTKNQVSLTCLVKGFYPSDIAVE
WESNGQPENNYKTTPPVLDSDGSFFLYSKLTVDKSRWQQGNVFSCSVMHEALKFHYTQKSLSLSP
;
_entity_poly.pdbx_strand_id   A,B,C
#
# COMPACT_ATOMS: atom_id res chain seq x y z
N GLY A 16 -3.01 11.62 -32.04
CA GLY A 16 -1.63 11.82 -32.44
C GLY A 16 -0.86 12.66 -31.45
N GLY A 17 0.30 12.16 -31.01
CA GLY A 17 1.10 12.86 -30.04
C GLY A 17 1.35 12.03 -28.80
N PRO A 18 2.42 12.34 -28.10
CA PRO A 18 2.76 11.59 -26.88
C PRO A 18 1.76 11.87 -25.76
N SER A 19 1.54 10.84 -24.94
CA SER A 19 0.64 10.91 -23.79
C SER A 19 1.41 10.66 -22.50
N VAL A 20 0.97 11.30 -21.41
CA VAL A 20 1.67 11.28 -20.14
C VAL A 20 0.80 10.64 -19.08
N PHE A 21 1.41 9.77 -18.27
CA PHE A 21 0.75 9.15 -17.12
C PHE A 21 1.66 9.26 -15.90
N LEU A 22 1.11 9.77 -14.79
CA LEU A 22 1.84 10.08 -13.57
C LEU A 22 1.38 9.15 -12.44
N PHE A 23 2.32 8.33 -11.90
CA PHE A 23 1.95 7.30 -10.91
C PHE A 23 2.47 7.60 -9.50
N PRO A 24 1.70 7.25 -8.48
CA PRO A 24 2.10 7.55 -7.10
C PRO A 24 3.14 6.57 -6.59
N PRO A 25 3.74 6.83 -5.42
CA PRO A 25 4.63 5.84 -4.82
C PRO A 25 3.87 4.65 -4.25
N LYS A 26 4.61 3.58 -4.00
CA LYS A 26 3.84 2.48 -3.44
C LYS A 26 3.92 2.44 -1.90
N PRO A 27 2.81 1.97 -1.32
CA PRO A 27 2.64 2.05 0.14
C PRO A 27 3.79 1.37 0.88
N LYS A 28 4.31 0.21 0.46
CA LYS A 28 5.57 -0.20 1.08
C LYS A 28 6.78 0.68 0.84
N ASP A 29 6.84 1.49 -0.20
CA ASP A 29 8.01 2.35 -0.22
C ASP A 29 7.84 3.54 0.73
N THR A 30 6.62 4.08 0.82
CA THR A 30 6.38 5.29 1.57
C THR A 30 6.55 5.08 3.07
N LEU A 31 6.22 3.89 3.55
CA LEU A 31 6.09 3.62 4.98
C LEU A 31 7.34 3.01 5.62
N TYR A 32 8.36 2.67 4.82
CA TYR A 32 9.57 2.01 5.29
C TYR A 32 10.76 2.95 5.10
N ILE A 33 11.53 3.21 6.16
CA ILE A 33 12.55 4.26 6.11
C ILE A 33 13.68 3.93 5.14
N THR A 34 13.92 2.66 4.87
CA THR A 34 15.02 2.24 4.02
C THR A 34 14.69 2.21 2.54
N ARG A 35 13.44 2.41 2.16
CA ARG A 35 13.04 2.35 0.76
C ARG A 35 12.84 3.75 0.21
N GLU A 36 12.81 3.85 -1.12
CA GLU A 36 12.65 5.17 -1.72
C GLU A 36 11.32 5.26 -2.45
N PRO A 37 10.40 6.09 -1.96
CA PRO A 37 9.11 6.25 -2.62
C PRO A 37 9.29 7.12 -3.84
N GLU A 38 8.61 6.77 -4.92
CA GLU A 38 8.86 7.48 -6.15
C GLU A 38 7.58 7.78 -6.88
N VAL A 39 7.55 8.98 -7.44
CA VAL A 39 6.52 9.39 -8.36
C VAL A 39 7.10 9.20 -9.75
N THR A 40 6.34 8.52 -10.61
CA THR A 40 6.83 8.05 -11.89
C THR A 40 6.03 8.73 -12.99
N CYS A 41 6.72 9.42 -13.89
CA CYS A 41 6.12 10.13 -15.01
C CYS A 41 6.44 9.36 -16.29
N VAL A 42 5.41 8.80 -16.92
CA VAL A 42 5.56 7.91 -18.06
C VAL A 42 5.02 8.62 -19.29
N VAL A 43 5.82 8.65 -20.34
CA VAL A 43 5.44 9.23 -21.62
C VAL A 43 5.44 8.11 -22.66
N VAL A 44 4.30 7.89 -23.29
CA VAL A 44 4.18 6.91 -24.36
C VAL A 44 3.87 7.64 -25.67
N ASP A 45 3.93 6.89 -26.77
CA ASP A 45 3.73 7.42 -28.12
C ASP A 45 4.77 8.48 -28.46
N VAL A 46 5.99 8.28 -27.96
CA VAL A 46 7.13 9.11 -28.35
C VAL A 46 7.66 8.60 -29.68
N SER A 47 7.79 9.50 -30.66
CA SER A 47 8.13 9.08 -32.01
C SER A 47 9.62 8.82 -32.14
N HIS A 48 9.98 8.07 -33.18
CA HIS A 48 11.39 7.86 -33.49
C HIS A 48 12.05 9.11 -34.08
N GLU A 49 11.28 9.95 -34.80
CA GLU A 49 11.89 11.14 -35.39
C GLU A 49 12.24 12.18 -34.34
N ASP A 50 11.45 12.30 -33.28
CA ASP A 50 11.68 13.27 -32.21
C ASP A 50 11.62 12.55 -30.86
N PRO A 51 12.65 11.78 -30.55
CA PRO A 51 12.60 10.86 -29.42
C PRO A 51 12.99 11.44 -28.06
N GLU A 52 13.55 12.64 -28.02
CA GLU A 52 14.01 13.23 -26.77
C GLU A 52 12.84 13.81 -26.00
N VAL A 53 12.83 13.57 -24.69
CA VAL A 53 11.81 14.10 -23.80
C VAL A 53 12.53 14.81 -22.67
N LYS A 54 12.15 16.06 -22.42
CA LYS A 54 12.65 16.79 -21.27
C LYS A 54 11.55 16.93 -20.23
N PHE A 55 11.94 16.64 -18.99
CA PHE A 55 11.09 16.59 -17.81
C PHE A 55 11.51 17.72 -16.89
N ASN A 56 10.53 18.50 -16.46
CA ASN A 56 10.70 19.43 -15.37
C ASN A 56 9.75 18.99 -14.25
N TRP A 57 10.26 18.99 -13.02
CA TRP A 57 9.52 18.50 -11.86
C TRP A 57 9.29 19.63 -10.87
N TYR A 58 8.12 19.64 -10.25
CA TYR A 58 7.77 20.67 -9.28
C TYR A 58 7.12 20.04 -8.06
N VAL A 59 7.51 20.51 -6.88
CA VAL A 59 6.92 20.11 -5.61
C VAL A 59 6.31 21.36 -4.99
N ASP A 60 4.98 21.39 -4.90
CA ASP A 60 4.25 22.56 -4.43
C ASP A 60 4.63 23.80 -5.25
N GLY A 61 4.85 23.60 -6.54
CA GLY A 61 5.17 24.68 -7.45
C GLY A 61 6.63 25.06 -7.56
N VAL A 62 7.50 24.53 -6.70
CA VAL A 62 8.92 24.85 -6.72
C VAL A 62 9.67 23.76 -7.50
N GLU A 63 10.43 24.17 -8.51
CA GLU A 63 11.18 23.22 -9.32
C GLU A 63 12.23 22.50 -8.48
N VAL A 64 12.35 21.19 -8.70
CA VAL A 64 13.36 20.35 -8.05
C VAL A 64 14.17 19.68 -9.16
N HIS A 65 15.37 19.22 -8.80
CA HIS A 65 16.34 18.79 -9.81
C HIS A 65 16.91 17.39 -9.59
N ASN A 66 16.37 16.62 -8.66
CA ASN A 66 16.91 15.30 -8.31
C ASN A 66 16.28 14.15 -9.08
N ALA A 67 15.54 14.42 -10.16
CA ALA A 67 14.85 13.34 -10.86
C ALA A 67 15.83 12.42 -11.59
N LYS A 68 15.42 11.15 -11.72
CA LYS A 68 16.23 10.10 -12.32
C LYS A 68 15.68 9.76 -13.70
N THR A 69 16.54 9.89 -14.71
CA THR A 69 16.17 9.61 -16.08
C THR A 69 16.41 8.14 -16.38
N LYS A 70 15.42 7.49 -16.94
CA LYS A 70 15.52 6.08 -17.31
C LYS A 70 15.82 5.94 -18.80
N PRO A 71 16.38 4.81 -19.24
CA PRO A 71 16.62 4.64 -20.68
C PRO A 71 15.31 4.36 -21.39
N ARG A 72 15.13 5.00 -22.54
CA ARG A 72 13.93 4.79 -23.33
CA ARG A 72 13.94 4.79 -23.33
C ARG A 72 13.80 3.32 -23.72
N GLU A 73 12.57 2.88 -23.90
CA GLU A 73 12.28 1.49 -24.24
C GLU A 73 11.42 1.48 -25.50
N GLU A 74 11.88 0.75 -26.50
CA GLU A 74 11.12 0.65 -27.74
C GLU A 74 9.92 -0.26 -27.53
N GLN A 75 8.77 0.16 -28.05
CA GLN A 75 7.54 -0.61 -27.94
C GLN A 75 7.25 -1.32 -29.25
N TYR A 76 6.25 -2.21 -29.22
CA TYR A 76 5.97 -3.02 -30.40
C TYR A 76 5.36 -2.23 -31.53
N ASN A 77 4.60 -1.18 -31.26
CA ASN A 77 4.02 -0.37 -32.32
C ASN A 77 4.99 0.72 -32.79
N SER A 78 6.29 0.50 -32.60
CA SER A 78 7.35 1.35 -33.15
C SER A 78 7.29 2.76 -32.57
N THR A 79 7.00 2.85 -31.28
CA THR A 79 7.13 4.10 -30.53
C THR A 79 7.94 3.82 -29.28
N TYR A 80 8.36 4.89 -28.61
CA TYR A 80 9.14 4.77 -27.40
C TYR A 80 8.29 5.01 -26.16
N ARG A 81 8.71 4.41 -25.06
CA ARG A 81 8.20 4.71 -23.74
C ARG A 81 9.36 5.37 -23.00
N VAL A 82 9.12 6.57 -22.47
CA VAL A 82 10.17 7.36 -21.82
C VAL A 82 9.68 7.74 -20.43
N VAL A 83 10.53 7.49 -19.43
CA VAL A 83 10.14 7.57 -18.03
C VAL A 83 11.11 8.44 -17.25
N SER A 84 10.57 9.29 -16.37
CA SER A 84 11.33 10.03 -15.38
C SER A 84 10.81 9.69 -13.99
N VAL A 85 11.72 9.49 -13.04
CA VAL A 85 11.36 9.02 -11.70
C VAL A 85 11.82 10.04 -10.68
N LEU A 86 10.89 10.58 -9.89
CA LEU A 86 11.21 11.54 -8.85
C LEU A 86 11.08 10.88 -7.49
N THR A 87 12.16 10.84 -6.73
CA THR A 87 12.12 10.36 -5.36
C THR A 87 11.55 11.46 -4.49
N VAL A 88 10.50 11.12 -3.74
CA VAL A 88 9.82 12.07 -2.87
C VAL A 88 10.24 11.80 -1.43
N LEU A 89 10.33 12.86 -0.63
CA LEU A 89 10.58 12.66 0.79
C LEU A 89 9.40 11.93 1.42
N HIS A 90 9.72 10.97 2.29
CA HIS A 90 8.67 10.21 2.97
C HIS A 90 7.66 11.16 3.60
N GLN A 91 8.15 12.10 4.42
CA GLN A 91 7.26 13.00 5.14
C GLN A 91 6.51 13.94 4.20
N ASP A 92 7.13 14.32 3.07
CA ASP A 92 6.44 15.23 2.15
C ASP A 92 5.22 14.56 1.51
N TRP A 93 5.38 13.31 1.06
CA TRP A 93 4.24 12.62 0.45
C TRP A 93 3.11 12.45 1.44
N LEU A 94 3.44 12.07 2.67
CA LEU A 94 2.42 11.85 3.68
C LEU A 94 1.78 13.16 4.14
N ASN A 95 2.48 14.28 3.98
CA ASN A 95 1.91 15.59 4.30
C ASN A 95 1.13 16.21 3.15
N GLY A 96 0.97 15.50 2.04
CA GLY A 96 0.08 15.96 0.99
C GLY A 96 0.66 16.96 0.04
N LYS A 97 1.99 17.00 -0.13
CA LYS A 97 2.57 17.90 -1.10
C LYS A 97 2.19 17.45 -2.51
N GLU A 98 2.13 18.40 -3.43
CA GLU A 98 1.69 18.15 -4.78
C GLU A 98 2.90 18.05 -5.70
N TYR A 99 2.93 17.01 -6.52
CA TYR A 99 4.05 16.73 -7.40
C TYR A 99 3.58 16.89 -8.84
N LYS A 100 4.25 17.77 -9.57
CA LYS A 100 3.89 18.06 -10.95
C LYS A 100 5.03 17.67 -11.87
N CYS A 101 4.70 16.87 -12.88
CA CYS A 101 5.62 16.52 -13.95
C CYS A 101 5.23 17.30 -15.20
N LYS A 102 6.20 18.01 -15.78
CA LYS A 102 5.99 18.77 -17.01
C LYS A 102 6.82 18.13 -18.11
N VAL A 103 6.17 17.76 -19.21
CA VAL A 103 6.77 16.98 -20.27
C VAL A 103 6.82 17.82 -21.54
N SER A 104 8.03 17.98 -22.08
CA SER A 104 8.27 18.72 -23.31
C SER A 104 8.84 17.79 -24.37
N ASN A 105 8.32 17.92 -25.60
CA ASN A 105 8.77 17.10 -26.72
C ASN A 105 8.54 17.90 -27.99
N LYS A 106 9.45 17.76 -28.96
CA LYS A 106 9.38 18.57 -30.16
C LYS A 106 8.11 18.33 -30.97
N ALA A 107 7.48 17.17 -30.81
CA ALA A 107 6.21 16.90 -31.47
C ALA A 107 5.00 17.47 -30.73
N LEU A 108 5.20 18.08 -29.55
CA LEU A 108 4.05 18.64 -28.86
C LEU A 108 3.99 20.14 -29.07
N PRO A 109 2.82 20.68 -29.45
CA PRO A 109 2.69 22.15 -29.57
C PRO A 109 2.97 22.88 -28.28
N ALA A 110 2.61 22.29 -27.14
CA ALA A 110 2.88 22.87 -25.82
C ALA A 110 3.17 21.74 -24.86
N PRO A 111 3.95 22.00 -23.80
CA PRO A 111 4.24 20.95 -22.82
C PRO A 111 2.98 20.44 -22.12
N ILE A 112 3.03 19.17 -21.71
CA ILE A 112 1.94 18.50 -21.00
C ILE A 112 2.29 18.46 -19.51
N GLU A 113 1.36 18.91 -18.66
CA GLU A 113 1.57 18.92 -17.22
C GLU A 113 0.57 17.99 -16.54
N LYS A 114 1.07 17.19 -15.61
CA LYS A 114 0.25 16.34 -14.77
C LYS A 114 0.67 16.52 -13.31
N THR A 115 -0.31 16.50 -12.42
CA THR A 115 -0.06 16.70 -10.99
C THR A 115 -0.65 15.54 -10.21
N ILE A 116 0.05 15.10 -9.17
CA ILE A 116 -0.41 13.99 -8.34
C ILE A 116 -0.12 14.30 -6.88
N SER A 117 -0.97 13.74 -6.01
CA SER A 117 -0.89 13.97 -4.58
C SER A 117 -1.52 12.77 -3.90
N LYS A 118 -1.30 12.67 -2.59
CA LYS A 118 -1.92 11.59 -1.83
C LYS A 118 -3.42 11.82 -1.72
N ALA A 119 -4.15 10.72 -1.60
CA ALA A 119 -5.59 10.79 -1.44
C ALA A 119 -5.93 11.62 -0.20
N LYS A 120 -6.88 12.53 -0.37
CA LYS A 120 -7.35 13.38 0.71
C LYS A 120 -8.48 12.68 1.47
N GLY A 121 -8.70 13.12 2.70
CA GLY A 121 -9.73 12.51 3.53
C GLY A 121 -9.13 12.13 4.86
N GLN A 122 -9.98 12.05 5.87
CA GLN A 122 -9.52 11.73 7.21
C GLN A 122 -8.94 10.32 7.25
N PRO A 123 -7.69 10.15 7.66
CA PRO A 123 -7.13 8.80 7.75
C PRO A 123 -7.84 7.98 8.81
N ARG A 124 -7.92 6.67 8.56
CA ARG A 124 -8.59 5.76 9.47
C ARG A 124 -7.76 4.50 9.59
N GLU A 125 -7.56 4.07 10.81
CA GLU A 125 -6.65 2.99 11.15
C GLU A 125 -7.25 1.63 10.79
N PRO A 126 -6.48 0.75 10.14
CA PRO A 126 -7.00 -0.58 9.83
C PRO A 126 -7.16 -1.43 11.08
N GLN A 127 -8.21 -2.24 11.10
CA GLN A 127 -8.40 -3.30 12.10
C GLN A 127 -8.03 -4.63 11.44
N VAL A 128 -7.17 -5.41 12.10
CA VAL A 128 -6.61 -6.64 11.52
C VAL A 128 -7.10 -7.83 12.32
N TYR A 129 -7.68 -8.82 11.63
CA TYR A 129 -8.18 -10.03 12.25
C TYR A 129 -7.72 -11.26 11.46
N THR A 130 -7.18 -12.25 12.17
CA THR A 130 -6.79 -13.51 11.54
C THR A 130 -7.87 -14.57 11.77
N LEU A 131 -8.11 -15.39 10.75
CA LEU A 131 -9.13 -16.43 10.76
C LEU A 131 -8.49 -17.78 10.44
N PRO A 132 -8.65 -18.79 11.28
CA PRO A 132 -8.06 -20.11 11.00
C PRO A 132 -8.77 -20.77 9.84
N PRO A 133 -8.25 -21.90 9.33
CA PRO A 133 -8.94 -22.57 8.23
C PRO A 133 -10.32 -23.02 8.65
N SER A 134 -11.23 -23.07 7.67
CA SER A 134 -12.54 -23.65 7.91
C SER A 134 -12.39 -25.11 8.32
N ARG A 135 -13.29 -25.57 9.19
CA ARG A 135 -13.22 -26.94 9.68
C ARG A 135 -13.23 -27.95 8.53
N ASP A 136 -14.02 -27.69 7.49
CA ASP A 136 -14.12 -28.61 6.36
C ASP A 136 -12.89 -28.60 5.47
N GLU A 137 -12.06 -27.55 5.55
CA GLU A 137 -10.84 -27.50 4.75
C GLU A 137 -9.70 -28.31 5.34
N LEU A 138 -9.78 -28.67 6.63
CA LEU A 138 -8.69 -29.40 7.26
C LEU A 138 -8.49 -30.79 6.68
N THR A 139 -9.46 -31.30 5.93
CA THR A 139 -9.30 -32.59 5.26
C THR A 139 -8.41 -32.51 4.03
N LYS A 140 -8.08 -31.30 3.58
CA LYS A 140 -7.28 -31.13 2.39
C LYS A 140 -5.80 -31.13 2.76
N ASN A 141 -4.95 -31.32 1.75
CA ASN A 141 -3.51 -31.32 1.97
C ASN A 141 -2.97 -29.92 2.21
N GLN A 142 -3.69 -28.90 1.77
CA GLN A 142 -3.32 -27.50 1.97
C GLN A 142 -4.52 -26.76 2.55
N VAL A 143 -4.26 -25.85 3.47
CA VAL A 143 -5.32 -25.10 4.15
C VAL A 143 -5.11 -23.61 3.92
N SER A 144 -6.16 -22.85 4.18
CA SER A 144 -6.19 -21.42 3.92
C SER A 144 -6.20 -20.66 5.23
N LEU A 145 -5.19 -19.82 5.44
CA LEU A 145 -5.17 -18.88 6.55
C LEU A 145 -5.62 -17.52 6.02
N THR A 146 -6.57 -16.91 6.72
CA THR A 146 -7.21 -15.69 6.24
C THR A 146 -6.88 -14.52 7.16
N CYS A 147 -6.59 -13.38 6.56
CA CYS A 147 -6.37 -12.13 7.27
C CYS A 147 -7.40 -11.13 6.77
N LEU A 148 -8.26 -10.66 7.67
CA LEU A 148 -9.24 -9.64 7.34
C LEU A 148 -8.74 -8.29 7.84
N VAL A 149 -8.60 -7.34 6.93
CA VAL A 149 -8.16 -5.98 7.24
C VAL A 149 -9.28 -5.04 6.84
N LYS A 150 -9.83 -4.31 7.81
CA LYS A 150 -11.04 -3.53 7.54
C LYS A 150 -10.95 -2.15 8.19
N GLY A 151 -11.86 -1.28 7.73
CA GLY A 151 -12.04 0.05 8.29
C GLY A 151 -10.92 1.05 8.07
N PHE A 152 -10.14 0.90 7.01
CA PHE A 152 -9.00 1.79 6.80
C PHE A 152 -9.28 2.79 5.67
N TYR A 153 -8.65 3.95 5.79
CA TYR A 153 -8.68 5.02 4.80
C TYR A 153 -7.37 5.78 4.90
N PRO A 154 -6.71 6.10 3.77
CA PRO A 154 -7.15 5.77 2.40
C PRO A 154 -6.83 4.32 2.07
N SER A 155 -7.12 3.92 0.82
CA SER A 155 -7.01 2.51 0.44
C SER A 155 -5.58 2.04 0.28
N ASP A 156 -4.60 2.95 0.27
CA ASP A 156 -3.21 2.56 0.13
C ASP A 156 -2.75 1.81 1.37
N ILE A 157 -2.27 0.58 1.16
CA ILE A 157 -1.98 -0.34 2.25
C ILE A 157 -1.07 -1.42 1.70
N ALA A 158 -0.32 -2.06 2.59
CA ALA A 158 0.55 -3.18 2.23
C ALA A 158 0.33 -4.32 3.21
N VAL A 159 0.27 -5.55 2.70
CA VAL A 159 0.03 -6.73 3.51
C VAL A 159 1.01 -7.82 3.13
N GLU A 160 1.58 -8.49 4.14
CA GLU A 160 2.52 -9.59 3.96
C GLU A 160 2.22 -10.65 5.01
N TRP A 161 2.79 -11.84 4.83
CA TRP A 161 2.66 -12.93 5.79
C TRP A 161 4.03 -13.43 6.23
N GLU A 162 4.10 -13.88 7.47
CA GLU A 162 5.33 -14.48 7.99
C GLU A 162 4.99 -15.78 8.70
N SER A 163 6.01 -16.59 8.93
CA SER A 163 5.89 -17.83 9.70
C SER A 163 7.06 -17.89 10.66
N ASN A 164 6.75 -17.90 11.96
CA ASN A 164 7.77 -17.89 13.00
C ASN A 164 8.79 -16.79 12.71
N GLY A 165 8.30 -15.61 12.32
CA GLY A 165 9.14 -14.48 11.96
C GLY A 165 9.77 -14.51 10.58
N GLN A 166 9.53 -15.56 9.79
CA GLN A 166 10.20 -15.68 8.49
C GLN A 166 9.25 -15.37 7.32
N PRO A 167 9.74 -14.71 6.26
CA PRO A 167 8.87 -14.30 5.17
C PRO A 167 8.23 -15.50 4.49
N GLU A 168 6.98 -15.31 4.16
CA GLU A 168 6.19 -16.35 3.62
C GLU A 168 5.51 -15.81 2.39
N ASN A 169 5.58 -16.56 1.28
CA ASN A 169 5.28 -15.99 0.00
C ASN A 169 4.13 -16.59 -0.78
N ASN A 170 3.56 -17.73 -0.40
CA ASN A 170 2.43 -18.30 -1.14
C ASN A 170 1.11 -17.70 -0.64
N TYR A 171 0.97 -16.40 -0.83
CA TYR A 171 -0.24 -15.69 -0.42
C TYR A 171 -0.69 -14.78 -1.54
N LYS A 172 -1.98 -14.45 -1.51
CA LYS A 172 -2.59 -13.50 -2.41
C LYS A 172 -3.52 -12.62 -1.60
N THR A 173 -3.59 -11.35 -1.99
CA THR A 173 -4.36 -10.35 -1.27
C THR A 173 -5.33 -9.72 -2.25
N THR A 174 -6.60 -9.57 -1.85
CA THR A 174 -7.57 -8.94 -2.73
C THR A 174 -7.26 -7.44 -2.81
N PRO A 175 -7.74 -6.77 -3.86
CA PRO A 175 -7.67 -5.30 -3.86
C PRO A 175 -8.56 -4.74 -2.76
N PRO A 176 -8.33 -3.52 -2.32
CA PRO A 176 -9.24 -2.91 -1.36
C PRO A 176 -10.65 -2.79 -1.95
N VAL A 177 -11.64 -2.98 -1.09
CA VAL A 177 -13.05 -2.87 -1.47
C VAL A 177 -13.69 -1.81 -0.59
N LEU A 178 -14.46 -0.93 -1.22
CA LEU A 178 -15.17 0.10 -0.47
C LEU A 178 -16.32 -0.50 0.33
N ASP A 179 -16.31 -0.26 1.65
CA ASP A 179 -17.34 -0.73 2.56
C ASP A 179 -18.47 0.30 2.64
N SER A 180 -19.56 -0.09 3.32
CA SER A 180 -20.75 0.73 3.38
C SER A 180 -20.56 2.03 4.17
N ASP A 181 -19.53 2.11 5.01
CA ASP A 181 -19.30 3.29 5.84
C ASP A 181 -18.23 4.24 5.26
N GLY A 182 -17.73 3.98 4.06
CA GLY A 182 -16.73 4.83 3.45
C GLY A 182 -15.30 4.39 3.67
N SER A 183 -15.07 3.42 4.54
CA SER A 183 -13.74 2.87 4.74
C SER A 183 -13.50 1.73 3.76
N PHE A 184 -12.29 1.19 3.77
CA PHE A 184 -11.94 0.07 2.90
C PHE A 184 -11.69 -1.18 3.73
N PHE A 185 -11.85 -2.33 3.07
CA PHE A 185 -11.44 -3.60 3.64
C PHE A 185 -10.80 -4.44 2.56
N LEU A 186 -10.08 -5.48 2.99
CA LEU A 186 -9.61 -6.49 2.05
C LEU A 186 -9.40 -7.78 2.83
N TYR A 187 -9.07 -8.83 2.10
CA TYR A 187 -8.66 -10.09 2.68
C TYR A 187 -7.35 -10.52 2.05
N SER A 188 -6.48 -11.13 2.86
CA SER A 188 -5.27 -11.77 2.35
C SER A 188 -5.35 -13.24 2.71
N LYS A 189 -5.07 -14.11 1.73
CA LYS A 189 -5.16 -15.54 1.90
C LYS A 189 -3.77 -16.15 1.78
N LEU A 190 -3.32 -16.80 2.85
CA LEU A 190 -2.07 -17.56 2.87
C LEU A 190 -2.38 -19.04 2.73
N THR A 191 -1.68 -19.72 1.84
CA THR A 191 -1.86 -21.16 1.63
C THR A 191 -0.65 -21.88 2.20
N VAL A 192 -0.89 -22.81 3.12
CA VAL A 192 0.17 -23.58 3.77
C VAL A 192 -0.17 -25.06 3.73
N ASP A 193 0.86 -25.90 3.74
CA ASP A 193 0.67 -27.33 3.87
C ASP A 193 0.02 -27.65 5.22
N LYS A 194 -0.93 -28.57 5.21
CA LYS A 194 -1.67 -28.93 6.42
C LYS A 194 -0.71 -29.32 7.55
N SER A 195 0.35 -30.07 7.23
CA SER A 195 1.28 -30.51 8.26
C SER A 195 1.98 -29.33 8.95
N ARG A 196 2.24 -28.25 8.21
N ARG A 196 2.24 -28.25 8.20
CA ARG A 196 2.86 -27.07 8.81
CA ARG A 196 2.86 -27.07 8.81
C ARG A 196 1.92 -26.40 9.80
C ARG A 196 1.92 -26.41 9.80
N TRP A 197 0.64 -26.32 9.46
CA TRP A 197 -0.36 -25.84 10.41
C TRP A 197 -0.49 -26.80 11.60
N GLN A 198 -0.46 -28.12 11.34
CA GLN A 198 -0.64 -29.10 12.41
C GLN A 198 0.58 -29.24 13.32
N GLN A 199 1.74 -28.72 12.93
CA GLN A 199 2.90 -28.68 13.82
C GLN A 199 2.85 -27.56 14.85
N GLY A 200 1.90 -26.64 14.74
CA GLY A 200 1.82 -25.55 15.69
C GLY A 200 2.57 -24.30 15.31
N ASN A 201 3.07 -24.20 14.07
CA ASN A 201 3.78 -23.01 13.65
C ASN A 201 2.90 -21.78 13.80
N VAL A 202 3.54 -20.67 14.17
CA VAL A 202 2.87 -19.38 14.30
C VAL A 202 2.96 -18.66 12.96
N PHE A 203 1.82 -18.17 12.47
CA PHE A 203 1.76 -17.42 11.23
C PHE A 203 1.29 -16.01 11.54
N SER A 204 1.87 -15.02 10.86
CA SER A 204 1.57 -13.63 11.15
C SER A 204 1.14 -12.89 9.90
N CYS A 205 0.06 -12.12 10.03
CA CYS A 205 -0.37 -11.20 8.99
C CYS A 205 0.14 -9.81 9.39
N SER A 206 1.00 -9.23 8.55
CA SER A 206 1.62 -7.94 8.80
C SER A 206 1.04 -6.92 7.82
N VAL A 207 0.59 -5.77 8.33
CA VAL A 207 0.06 -4.73 7.47
C VAL A 207 0.73 -3.41 7.82
N MET A 208 1.00 -2.62 6.79
CA MET A 208 1.60 -1.30 6.91
C MET A 208 0.62 -0.30 6.33
N HIS A 209 0.35 0.76 7.09
CA HIS A 209 -0.64 1.75 6.68
C HIS A 209 -0.31 3.05 7.40
N GLU A 210 -0.59 4.18 6.74
CA GLU A 210 -0.20 5.47 7.28
C GLU A 210 -0.94 5.80 8.57
N ALA A 211 -2.12 5.22 8.79
CA ALA A 211 -2.92 5.56 9.97
C ALA A 211 -2.55 4.75 11.20
N LEU A 212 -1.64 3.79 11.08
CA LEU A 212 -1.19 3.06 12.26
C LEU A 212 -0.09 3.83 12.97
N LYS A 213 -0.11 3.77 14.29
CA LYS A 213 1.06 4.21 15.04
C LYS A 213 2.19 3.24 14.70
N PHE A 214 3.36 3.78 14.42
CA PHE A 214 4.52 3.08 13.88
C PHE A 214 4.27 2.53 12.47
N HIS A 215 3.14 2.87 11.85
CA HIS A 215 2.83 2.54 10.46
C HIS A 215 2.90 1.04 10.19
N TYR A 216 2.72 0.24 11.24
CA TYR A 216 2.88 -1.20 11.15
C TYR A 216 2.03 -1.83 12.24
N THR A 217 1.43 -2.98 11.92
CA THR A 217 0.81 -3.82 12.93
C THR A 217 0.74 -5.25 12.41
N GLN A 218 0.61 -6.20 13.33
CA GLN A 218 0.66 -7.61 12.99
C GLN A 218 -0.30 -8.37 13.88
N LYS A 219 -0.89 -9.43 13.33
CA LYS A 219 -1.73 -10.34 14.10
C LYS A 219 -1.30 -11.77 13.80
N SER A 220 -1.16 -12.58 14.83
CA SER A 220 -0.66 -13.93 14.70
C SER A 220 -1.77 -14.96 14.79
N LEU A 221 -1.46 -16.18 14.37
CA LEU A 221 -2.43 -17.24 14.22
C LEU A 221 -1.71 -18.58 14.28
N SER A 222 -2.23 -19.51 15.09
CA SER A 222 -1.63 -20.83 15.18
C SER A 222 -2.68 -21.83 15.64
N LEU A 223 -2.36 -23.11 15.47
CA LEU A 223 -3.28 -24.19 15.80
C LEU A 223 -3.77 -24.08 17.23
N SER A 224 -5.07 -24.12 17.40
CA SER A 224 -5.61 -24.02 18.75
C SER A 224 -5.88 -25.41 19.31
N PRO A 225 -5.44 -25.69 20.55
CA PRO A 225 -5.77 -26.89 21.32
C PRO A 225 -7.24 -27.29 21.23
N GLY B 17 -11.96 9.03 -28.36
CA GLY B 17 -13.29 9.05 -28.93
C GLY B 17 -13.40 9.17 -30.44
N PRO B 18 -14.42 8.51 -31.01
CA PRO B 18 -15.27 7.61 -30.22
C PRO B 18 -14.56 6.30 -29.81
N SER B 19 -14.84 5.81 -28.60
CA SER B 19 -14.28 4.54 -28.13
C SER B 19 -15.42 3.59 -27.75
N VAL B 20 -15.15 2.30 -27.89
CA VAL B 20 -16.16 1.25 -27.76
C VAL B 20 -15.79 0.34 -26.60
N PHE B 21 -16.79 -0.03 -25.80
CA PHE B 21 -16.63 -1.00 -24.72
C PHE B 21 -17.68 -2.08 -24.85
N LEU B 22 -17.23 -3.33 -24.89
CA LEU B 22 -18.08 -4.49 -25.10
C LEU B 22 -18.16 -5.27 -23.79
N PHE B 23 -19.38 -5.39 -23.24
CA PHE B 23 -19.54 -5.95 -21.92
C PHE B 23 -20.15 -7.35 -21.97
N PRO B 24 -19.72 -8.25 -21.10
CA PRO B 24 -20.28 -9.60 -21.08
C PRO B 24 -21.63 -9.62 -20.38
N PRO B 25 -22.34 -10.75 -20.40
CA PRO B 25 -23.56 -10.86 -19.60
C PRO B 25 -23.22 -10.91 -18.12
N LYS B 26 -24.23 -10.72 -17.31
CA LYS B 26 -24.00 -10.80 -15.88
C LYS B 26 -23.96 -12.26 -15.45
N PRO B 27 -23.11 -12.61 -14.48
CA PRO B 27 -22.91 -14.04 -14.18
C PRO B 27 -24.21 -14.79 -13.94
N LYS B 28 -25.17 -14.21 -13.22
CA LYS B 28 -26.42 -14.90 -12.96
C LYS B 28 -27.31 -15.00 -14.20
N ASP B 29 -27.13 -14.10 -15.17
CA ASP B 29 -27.93 -14.16 -16.39
C ASP B 29 -27.57 -15.39 -17.22
N THR B 30 -26.31 -15.78 -17.23
CA THR B 30 -25.91 -16.95 -18.02
C THR B 30 -26.37 -18.25 -17.37
N LEU B 31 -26.54 -18.29 -16.05
CA LEU B 31 -26.66 -19.55 -15.34
C LEU B 31 -28.09 -20.04 -15.13
N TYR B 32 -29.09 -19.17 -15.17
CA TYR B 32 -30.45 -19.55 -14.86
C TYR B 32 -31.39 -19.26 -16.02
N ILE B 33 -32.24 -20.24 -16.36
CA ILE B 33 -33.18 -20.14 -17.47
C ILE B 33 -34.12 -18.96 -17.24
N THR B 34 -34.04 -18.36 -16.05
CA THR B 34 -35.00 -17.43 -15.52
C THR B 34 -34.80 -16.08 -16.15
N ARG B 35 -33.54 -15.81 -16.39
CA ARG B 35 -32.90 -14.56 -16.74
C ARG B 35 -32.49 -14.56 -18.20
N GLU B 36 -32.22 -13.36 -18.70
CA GLU B 36 -31.87 -13.16 -20.10
C GLU B 36 -30.46 -12.63 -20.20
N PRO B 37 -29.50 -13.42 -20.65
CA PRO B 37 -28.16 -12.88 -20.81
C PRO B 37 -28.09 -12.09 -22.10
N GLU B 38 -27.32 -11.01 -22.07
CA GLU B 38 -27.13 -10.35 -23.34
C GLU B 38 -25.84 -9.52 -23.23
N VAL B 39 -25.15 -9.32 -24.40
CA VAL B 39 -23.87 -8.57 -24.54
C VAL B 39 -24.16 -7.14 -24.94
N THR B 40 -23.49 -6.18 -24.29
CA THR B 40 -23.79 -4.75 -24.42
C THR B 40 -22.62 -4.03 -25.05
N CYS B 41 -22.87 -3.33 -26.14
CA CYS B 41 -21.86 -2.56 -26.88
C CYS B 41 -22.10 -1.09 -26.63
N VAL B 42 -21.14 -0.44 -25.97
CA VAL B 42 -21.26 0.95 -25.54
C VAL B 42 -20.29 1.80 -26.33
N VAL B 43 -20.78 2.88 -26.93
CA VAL B 43 -19.97 3.85 -27.65
C VAL B 43 -20.02 5.15 -26.86
N VAL B 44 -18.86 5.63 -26.44
CA VAL B 44 -18.74 6.89 -25.73
C VAL B 44 -17.94 7.87 -26.60
N ASP B 45 -17.94 9.13 -26.18
CA ASP B 45 -17.18 10.18 -26.85
C ASP B 45 -17.61 10.34 -28.30
N VAL B 46 -18.89 10.19 -28.57
CA VAL B 46 -19.43 10.52 -29.89
C VAL B 46 -19.64 12.03 -29.93
N SER B 47 -19.03 12.68 -30.92
CA SER B 47 -19.10 14.13 -30.94
C SER B 47 -20.44 14.61 -31.49
N HIS B 48 -20.80 15.84 -31.14
CA HIS B 48 -21.98 16.44 -31.71
C HIS B 48 -21.82 16.65 -33.21
N GLU B 49 -20.57 16.74 -33.67
CA GLU B 49 -20.26 16.90 -35.08
C GLU B 49 -20.58 15.64 -35.88
N ASP B 50 -20.49 14.46 -35.25
CA ASP B 50 -20.71 13.18 -35.92
C ASP B 50 -21.68 12.32 -35.12
N PRO B 51 -22.98 12.63 -35.16
CA PRO B 51 -23.91 11.96 -34.24
C PRO B 51 -24.37 10.58 -34.69
N GLU B 52 -24.18 10.20 -35.95
CA GLU B 52 -24.68 8.91 -36.40
C GLU B 52 -23.72 7.76 -36.05
N VAL B 53 -24.28 6.70 -35.46
CA VAL B 53 -23.64 5.42 -35.10
C VAL B 53 -24.42 4.23 -35.61
N LYS B 54 -23.73 3.37 -36.34
CA LYS B 54 -24.23 2.12 -36.88
C LYS B 54 -23.53 0.95 -36.20
N PHE B 55 -24.32 -0.05 -35.82
CA PHE B 55 -23.84 -1.27 -35.18
C PHE B 55 -24.06 -2.46 -36.09
N ASN B 56 -23.02 -3.24 -36.34
CA ASN B 56 -23.15 -4.55 -36.95
C ASN B 56 -22.65 -5.61 -35.98
N TRP B 57 -23.43 -6.69 -35.82
CA TRP B 57 -23.17 -7.72 -34.82
C TRP B 57 -22.88 -9.04 -35.52
N TYR B 58 -21.95 -9.80 -34.94
CA TYR B 58 -21.57 -11.11 -35.47
C TYR B 58 -21.48 -12.11 -34.34
N VAL B 59 -22.03 -13.30 -34.58
CA VAL B 59 -21.89 -14.44 -33.68
C VAL B 59 -21.08 -15.47 -34.43
N ASP B 60 -19.86 -15.72 -33.95
CA ASP B 60 -18.90 -16.59 -34.63
C ASP B 60 -18.64 -16.11 -36.05
N GLY B 61 -18.61 -14.79 -36.24
CA GLY B 61 -18.34 -14.21 -37.54
C GLY B 61 -19.53 -14.10 -38.45
N VAL B 62 -20.67 -14.67 -38.09
CA VAL B 62 -21.87 -14.65 -38.92
C VAL B 62 -22.70 -13.44 -38.49
N GLU B 63 -23.02 -12.57 -39.44
CA GLU B 63 -23.80 -11.39 -39.10
C GLU B 63 -25.19 -11.78 -38.61
N VAL B 64 -25.61 -11.12 -37.53
CA VAL B 64 -26.93 -11.31 -36.96
C VAL B 64 -27.61 -9.94 -36.89
N HIS B 65 -28.95 -9.96 -36.83
CA HIS B 65 -29.73 -8.74 -36.98
C HIS B 65 -30.73 -8.51 -35.85
N ASN B 66 -30.69 -9.30 -34.78
CA ASN B 66 -31.67 -9.22 -33.71
C ASN B 66 -31.30 -8.26 -32.58
N ALA B 67 -30.24 -7.47 -32.74
CA ALA B 67 -29.81 -6.60 -31.65
C ALA B 67 -30.77 -5.42 -31.48
N LYS B 68 -30.89 -4.96 -30.23
CA LYS B 68 -31.76 -3.83 -29.91
C LYS B 68 -30.88 -2.63 -29.60
N THR B 69 -30.90 -1.64 -30.49
CA THR B 69 -30.10 -0.44 -30.36
C THR B 69 -30.93 0.68 -29.76
N LYS B 70 -30.37 1.36 -28.76
CA LYS B 70 -31.10 2.45 -28.14
C LYS B 70 -30.75 3.76 -28.82
N PRO B 71 -31.59 4.79 -28.68
CA PRO B 71 -31.27 6.09 -29.27
C PRO B 71 -30.16 6.77 -28.49
N ARG B 72 -29.39 7.60 -29.18
CA ARG B 72 -28.26 8.26 -28.54
C ARG B 72 -28.73 9.10 -27.37
N GLU B 73 -27.92 9.12 -26.31
CA GLU B 73 -28.25 9.82 -25.08
C GLU B 73 -27.17 10.87 -24.84
N GLU B 74 -27.60 12.11 -24.62
CA GLU B 74 -26.65 13.19 -24.37
C GLU B 74 -26.06 13.06 -22.98
N GLN B 75 -24.75 13.25 -22.89
CA GLN B 75 -24.03 13.19 -21.62
C GLN B 75 -23.70 14.59 -21.14
N TYR B 76 -23.25 14.66 -19.89
CA TYR B 76 -22.93 15.97 -19.32
C TYR B 76 -21.66 16.56 -19.92
N ASN B 77 -20.72 15.73 -20.39
CA ASN B 77 -19.52 16.26 -21.02
C ASN B 77 -19.71 16.56 -22.51
N SER B 78 -20.96 16.81 -22.93
CA SER B 78 -21.28 17.31 -24.28
C SER B 78 -20.85 16.32 -25.36
N THR B 79 -21.01 15.03 -25.08
CA THR B 79 -20.85 13.97 -26.05
C THR B 79 -22.05 13.04 -25.98
N TYR B 80 -22.17 12.17 -26.98
CA TYR B 80 -23.26 11.20 -27.00
C TYR B 80 -22.75 9.85 -26.51
N ARG B 81 -23.65 9.11 -25.88
CA ARG B 81 -23.46 7.70 -25.53
C ARG B 81 -24.50 6.90 -26.28
N VAL B 82 -24.06 5.86 -26.99
CA VAL B 82 -24.96 5.01 -27.77
C VAL B 82 -24.73 3.58 -27.37
N VAL B 83 -25.82 2.84 -27.12
CA VAL B 83 -25.77 1.50 -26.57
C VAL B 83 -26.56 0.57 -27.47
N SER B 84 -25.96 -0.57 -27.83
CA SER B 84 -26.65 -1.64 -28.53
C SER B 84 -26.52 -2.93 -27.73
N VAL B 85 -27.63 -3.65 -27.59
CA VAL B 85 -27.72 -4.82 -26.72
C VAL B 85 -28.12 -6.03 -27.57
N LEU B 86 -27.29 -7.07 -27.54
CA LEU B 86 -27.57 -8.30 -28.27
C LEU B 86 -27.95 -9.41 -27.27
N THR B 87 -29.17 -9.95 -27.38
CA THR B 87 -29.68 -11.01 -26.52
C THR B 87 -29.05 -12.33 -26.93
N VAL B 88 -28.50 -13.03 -25.96
CA VAL B 88 -27.55 -14.08 -26.32
C VAL B 88 -28.24 -15.35 -25.78
N LEU B 89 -28.13 -16.48 -26.50
CA LEU B 89 -28.64 -17.72 -25.95
C LEU B 89 -27.79 -18.25 -24.81
N HIS B 90 -28.46 -18.79 -23.77
CA HIS B 90 -27.74 -19.33 -22.60
C HIS B 90 -26.63 -20.29 -23.01
N GLN B 91 -26.96 -21.34 -23.75
CA GLN B 91 -25.97 -22.36 -24.09
C GLN B 91 -24.87 -21.81 -24.98
N ASP B 92 -25.20 -20.84 -25.84
CA ASP B 92 -24.20 -20.28 -26.75
C ASP B 92 -23.07 -19.58 -26.00
N TRP B 93 -23.42 -18.79 -24.97
CA TRP B 93 -22.40 -18.10 -24.20
C TRP B 93 -21.49 -19.09 -23.47
N LEU B 94 -22.08 -20.10 -22.82
CA LEU B 94 -21.30 -21.07 -22.08
C LEU B 94 -20.52 -22.02 -22.97
N ASN B 95 -20.94 -22.21 -24.21
CA ASN B 95 -20.22 -23.03 -25.18
C ASN B 95 -19.13 -22.26 -25.93
N GLY B 96 -18.89 -21.00 -25.59
CA GLY B 96 -17.75 -20.30 -26.12
C GLY B 96 -17.94 -19.64 -27.47
N LYS B 97 -19.18 -19.27 -27.82
CA LYS B 97 -19.39 -18.56 -29.08
C LYS B 97 -18.79 -17.15 -29.00
N GLU B 98 -18.42 -16.62 -30.16
CA GLU B 98 -17.72 -15.35 -30.23
C GLU B 98 -18.70 -14.26 -30.66
N TYR B 99 -18.71 -13.17 -29.91
CA TYR B 99 -19.61 -12.05 -30.15
C TYR B 99 -18.77 -10.84 -30.54
N LYS B 100 -19.00 -10.31 -31.74
CA LYS B 100 -18.25 -9.19 -32.27
C LYS B 100 -19.19 -8.03 -32.52
N CYS B 101 -18.87 -6.88 -31.94
CA CYS B 101 -19.59 -5.64 -32.20
C CYS B 101 -18.74 -4.77 -33.11
N LYS B 102 -19.34 -4.31 -34.21
CA LYS B 102 -18.69 -3.46 -35.20
C LYS B 102 -19.37 -2.10 -35.16
N VAL B 103 -18.59 -1.05 -34.88
CA VAL B 103 -19.11 0.29 -34.64
C VAL B 103 -18.59 1.21 -35.74
N SER B 104 -19.51 1.86 -36.44
CA SER B 104 -19.19 2.76 -37.53
C SER B 104 -19.60 4.17 -37.18
N ASN B 105 -18.71 5.13 -37.47
CA ASN B 105 -18.94 6.54 -37.24
C ASN B 105 -18.07 7.34 -38.21
N LYS B 106 -18.62 8.44 -38.73
CA LYS B 106 -17.92 9.21 -39.75
C LYS B 106 -16.62 9.82 -39.24
N ALA B 107 -16.47 9.98 -37.92
CA ALA B 107 -15.22 10.47 -37.36
C ALA B 107 -14.18 9.37 -37.23
N LEU B 108 -14.49 8.14 -37.62
CA LEU B 108 -13.53 7.05 -37.50
C LEU B 108 -12.84 6.80 -38.83
N PRO B 109 -11.50 6.68 -38.84
CA PRO B 109 -10.83 6.29 -40.09
C PRO B 109 -11.32 4.96 -40.61
N ALA B 110 -11.58 4.01 -39.71
CA ALA B 110 -12.11 2.70 -40.00
C ALA B 110 -13.00 2.30 -38.85
N PRO B 111 -13.99 1.42 -39.08
CA PRO B 111 -14.87 1.01 -37.98
C PRO B 111 -14.08 0.34 -36.87
N ILE B 112 -14.62 0.46 -35.66
CA ILE B 112 -14.00 -0.13 -34.47
C ILE B 112 -14.68 -1.46 -34.18
N GLU B 113 -13.87 -2.49 -33.98
CA GLU B 113 -14.35 -3.85 -33.72
C GLU B 113 -13.93 -4.31 -32.33
N LYS B 114 -14.87 -4.90 -31.60
CA LYS B 114 -14.59 -5.53 -30.31
C LYS B 114 -15.18 -6.93 -30.31
N THR B 115 -14.47 -7.86 -29.69
CA THR B 115 -14.90 -9.25 -29.60
C THR B 115 -14.86 -9.69 -28.15
N ILE B 116 -15.86 -10.47 -27.74
CA ILE B 116 -15.94 -10.98 -26.38
C ILE B 116 -16.47 -12.40 -26.39
N SER B 117 -16.03 -13.17 -25.40
CA SER B 117 -16.45 -14.56 -25.21
C SER B 117 -16.21 -14.90 -23.75
N LYS B 118 -16.76 -16.01 -23.29
CA LYS B 118 -16.41 -16.45 -21.96
C LYS B 118 -14.98 -16.98 -22.01
N ALA B 119 -14.28 -16.87 -20.87
CA ALA B 119 -12.88 -17.29 -20.78
C ALA B 119 -12.69 -18.74 -21.18
N LYS B 120 -11.62 -19.01 -21.92
CA LYS B 120 -11.44 -20.42 -22.20
C LYS B 120 -10.58 -21.09 -21.16
N GLY B 121 -10.70 -22.41 -21.11
CA GLY B 121 -10.07 -23.22 -20.07
C GLY B 121 -11.17 -24.08 -19.44
N GLN B 122 -10.76 -25.20 -18.90
CA GLN B 122 -11.68 -26.15 -18.29
C GLN B 122 -12.32 -25.52 -17.05
N PRO B 123 -13.64 -25.50 -16.95
CA PRO B 123 -14.27 -24.96 -15.75
C PRO B 123 -13.93 -25.79 -14.52
N ARG B 124 -13.79 -25.10 -13.39
N ARG B 124 -13.78 -25.09 -13.39
CA ARG B 124 -13.47 -25.73 -12.12
CA ARG B 124 -13.46 -25.71 -12.11
C ARG B 124 -14.48 -25.29 -11.07
C ARG B 124 -14.49 -25.29 -11.08
N GLU B 125 -14.96 -26.25 -10.31
CA GLU B 125 -16.04 -26.01 -9.37
C GLU B 125 -15.54 -25.21 -8.17
N PRO B 126 -16.26 -24.18 -7.73
CA PRO B 126 -15.83 -23.43 -6.55
C PRO B 126 -15.91 -24.28 -5.30
N GLN B 127 -14.96 -24.07 -4.40
CA GLN B 127 -14.99 -24.64 -3.06
C GLN B 127 -15.42 -23.52 -2.11
N VAL B 128 -16.42 -23.81 -1.28
CA VAL B 128 -17.05 -22.80 -0.43
C VAL B 128 -16.76 -23.13 1.03
N TYR B 129 -16.20 -22.16 1.75
CA TYR B 129 -15.89 -22.31 3.17
C TYR B 129 -16.41 -21.09 3.91
N THR B 130 -17.13 -21.33 5.00
CA THR B 130 -17.62 -20.26 5.85
C THR B 130 -16.71 -20.13 7.07
N LEU B 131 -16.43 -18.89 7.45
CA LEU B 131 -15.51 -18.60 8.55
C LEU B 131 -16.22 -17.74 9.58
N PRO B 132 -16.25 -18.15 10.85
CA PRO B 132 -16.88 -17.34 11.90
C PRO B 132 -16.05 -16.10 12.20
N PRO B 133 -16.56 -15.19 13.03
CA PRO B 133 -15.77 -14.00 13.36
C PRO B 133 -14.49 -14.36 14.12
N SER B 134 -13.47 -13.54 13.92
CA SER B 134 -12.25 -13.66 14.70
C SER B 134 -12.55 -13.42 16.16
N ARG B 135 -11.85 -14.16 17.05
CA ARG B 135 -12.08 -14.02 18.48
C ARG B 135 -11.93 -12.58 18.93
N ASP B 136 -10.96 -11.85 18.35
CA ASP B 136 -10.74 -10.46 18.73
C ASP B 136 -11.85 -9.54 18.27
N GLU B 137 -12.64 -9.95 17.26
CA GLU B 137 -13.77 -9.14 16.82
C GLU B 137 -15.00 -9.31 17.70
N LEU B 138 -15.07 -10.38 18.49
CA LEU B 138 -16.23 -10.62 19.35
C LEU B 138 -16.41 -9.51 20.38
N THR B 139 -15.41 -8.64 20.52
CA THR B 139 -15.49 -7.48 21.40
C THR B 139 -16.38 -6.38 20.85
N LYS B 140 -16.67 -6.39 19.55
CA LYS B 140 -17.38 -5.32 18.88
C LYS B 140 -18.90 -5.55 18.88
N ASN B 141 -19.63 -4.48 18.56
CA ASN B 141 -21.09 -4.55 18.53
C ASN B 141 -21.59 -5.31 17.30
N GLN B 142 -20.81 -5.30 16.22
CA GLN B 142 -21.15 -6.03 15.01
C GLN B 142 -19.95 -6.84 14.58
N VAL B 143 -20.23 -8.04 14.07
CA VAL B 143 -19.20 -9.00 13.74
C VAL B 143 -19.25 -9.28 12.24
N SER B 144 -18.18 -9.87 11.74
CA SER B 144 -17.99 -10.13 10.32
C SER B 144 -18.10 -11.63 10.09
N LEU B 145 -19.06 -12.03 9.25
CA LEU B 145 -19.15 -13.41 8.80
C LEU B 145 -18.52 -13.51 7.42
N THR B 146 -17.62 -14.46 7.24
CA THR B 146 -16.80 -14.55 6.05
C THR B 146 -17.13 -15.80 5.27
N CYS B 147 -17.21 -15.65 3.96
CA CYS B 147 -17.38 -16.76 3.04
C CYS B 147 -16.19 -16.75 2.09
N LEU B 148 -15.40 -17.81 2.12
CA LEU B 148 -14.26 -17.97 1.22
C LEU B 148 -14.68 -18.90 0.09
N VAL B 149 -14.55 -18.41 -1.13
CA VAL B 149 -14.86 -19.17 -2.35
C VAL B 149 -13.59 -19.24 -3.16
N LYS B 150 -13.07 -20.45 -3.38
CA LYS B 150 -11.76 -20.58 -4.02
C LYS B 150 -11.78 -21.71 -5.03
N GLY B 151 -10.77 -21.70 -5.89
CA GLY B 151 -10.56 -22.73 -6.89
C GLY B 151 -11.57 -22.79 -8.02
N PHE B 152 -12.19 -21.68 -8.38
CA PHE B 152 -13.20 -21.72 -9.43
C PHE B 152 -12.67 -21.14 -10.73
N TYR B 153 -13.19 -21.67 -11.84
CA TYR B 153 -12.87 -21.18 -13.18
C TYR B 153 -14.11 -21.40 -14.04
N PRO B 154 -14.53 -20.43 -14.85
CA PRO B 154 -13.94 -19.08 -15.00
C PRO B 154 -14.34 -18.15 -13.86
N SER B 155 -13.93 -16.88 -13.93
CA SER B 155 -14.13 -15.94 -12.82
C SER B 155 -15.56 -15.44 -12.69
N ASP B 156 -16.42 -15.67 -13.68
CA ASP B 156 -17.81 -15.24 -13.58
C ASP B 156 -18.51 -16.01 -12.46
N ILE B 157 -19.07 -15.29 -11.48
CA ILE B 157 -19.60 -15.92 -10.28
C ILE B 157 -20.51 -14.90 -9.58
N ALA B 158 -21.42 -15.42 -8.74
CA ALA B 158 -22.28 -14.57 -7.90
C ALA B 158 -22.35 -15.16 -6.50
N VAL B 159 -22.34 -14.29 -5.49
CA VAL B 159 -22.39 -14.69 -4.09
C VAL B 159 -23.44 -13.85 -3.38
N GLU B 160 -24.26 -14.51 -2.55
CA GLU B 160 -25.31 -13.85 -1.78
C GLU B 160 -25.37 -14.47 -0.38
N TRP B 161 -26.10 -13.80 0.52
CA TRP B 161 -26.26 -14.28 1.89
C TRP B 161 -27.74 -14.36 2.26
N GLU B 162 -28.08 -15.34 3.10
CA GLU B 162 -29.42 -15.46 3.64
C GLU B 162 -29.36 -15.83 5.12
N SER B 163 -30.49 -15.62 5.79
CA SER B 163 -30.74 -16.09 7.15
C SER B 163 -32.22 -16.39 7.27
N ASN B 164 -32.56 -17.61 7.70
CA ASN B 164 -33.96 -18.04 7.90
C ASN B 164 -34.81 -17.83 6.66
N GLY B 165 -34.26 -18.24 5.51
CA GLY B 165 -34.95 -18.13 4.25
C GLY B 165 -35.03 -16.75 3.67
N GLN B 166 -34.58 -15.73 4.38
CA GLN B 166 -34.69 -14.37 3.89
C GLN B 166 -33.31 -13.82 3.52
N PRO B 167 -33.23 -13.04 2.45
CA PRO B 167 -31.94 -12.47 2.05
C PRO B 167 -31.38 -11.53 3.11
N GLU B 168 -30.06 -11.54 3.25
CA GLU B 168 -29.34 -10.58 4.07
C GLU B 168 -28.63 -9.62 3.11
N ASN B 169 -28.74 -8.32 3.39
CA ASN B 169 -28.26 -7.32 2.44
C ASN B 169 -27.02 -6.58 2.88
N ASN B 170 -26.59 -6.73 4.14
CA ASN B 170 -25.44 -5.98 4.65
C ASN B 170 -24.13 -6.73 4.39
N TYR B 171 -23.84 -6.97 3.11
CA TYR B 171 -22.62 -7.68 2.76
C TYR B 171 -21.93 -6.99 1.60
N LYS B 172 -20.61 -7.22 1.52
CA LYS B 172 -19.77 -6.76 0.43
C LYS B 172 -18.81 -7.89 0.09
N THR B 173 -18.55 -8.09 -1.19
CA THR B 173 -17.69 -9.19 -1.61
C THR B 173 -16.63 -8.70 -2.58
N THR B 174 -15.41 -9.23 -2.43
CA THR B 174 -14.30 -8.84 -3.28
C THR B 174 -14.50 -9.32 -4.71
N PRO B 175 -13.85 -8.69 -5.68
CA PRO B 175 -13.81 -9.24 -7.03
C PRO B 175 -12.99 -10.52 -7.04
N PRO B 176 -13.14 -11.37 -8.06
CA PRO B 176 -12.28 -12.55 -8.17
C PRO B 176 -10.82 -12.15 -8.22
N VAL B 177 -9.97 -12.96 -7.62
CA VAL B 177 -8.53 -12.74 -7.63
C VAL B 177 -7.88 -13.99 -8.20
N LEU B 178 -6.95 -13.80 -9.12
CA LEU B 178 -6.24 -14.92 -9.73
C LEU B 178 -5.29 -15.55 -8.72
N ASP B 179 -5.43 -16.86 -8.52
CA ASP B 179 -4.56 -17.60 -7.62
C ASP B 179 -3.35 -18.12 -8.38
N SER B 180 -2.38 -18.66 -7.64
CA SER B 180 -1.14 -19.10 -8.26
C SER B 180 -1.32 -20.33 -9.16
N ASP B 181 -2.42 -21.07 -9.01
CA ASP B 181 -2.65 -22.27 -9.79
C ASP B 181 -3.55 -22.06 -11.00
N GLY B 182 -3.88 -20.81 -11.32
CA GLY B 182 -4.70 -20.51 -12.48
C GLY B 182 -6.18 -20.38 -12.20
N SER B 183 -6.64 -20.77 -11.00
CA SER B 183 -8.03 -20.59 -10.62
C SER B 183 -8.21 -19.24 -9.91
N PHE B 184 -9.46 -18.94 -9.60
CA PHE B 184 -9.83 -17.68 -8.94
C PHE B 184 -10.34 -17.96 -7.53
N PHE B 185 -10.24 -16.95 -6.68
CA PHE B 185 -10.87 -16.96 -5.37
C PHE B 185 -11.43 -15.58 -5.06
N LEU B 186 -12.32 -15.53 -4.08
CA LEU B 186 -12.80 -14.27 -3.54
C LEU B 186 -13.24 -14.50 -2.11
N TYR B 187 -13.59 -13.41 -1.44
CA TYR B 187 -14.18 -13.44 -0.11
C TYR B 187 -15.43 -12.57 -0.11
N SER B 188 -16.43 -12.99 0.63
CA SER B 188 -17.61 -12.17 0.89
C SER B 188 -17.74 -11.94 2.39
N LYS B 189 -17.96 -10.68 2.77
CA LYS B 189 -18.06 -10.30 4.17
C LYS B 189 -19.45 -9.80 4.47
N LEU B 190 -20.16 -10.52 5.34
CA LEU B 190 -21.48 -10.14 5.82
C LEU B 190 -21.35 -9.58 7.24
N THR B 191 -21.97 -8.43 7.49
CA THR B 191 -21.92 -7.77 8.79
C THR B 191 -23.26 -7.90 9.51
N VAL B 192 -23.22 -8.42 10.74
CA VAL B 192 -24.40 -8.60 11.58
C VAL B 192 -24.13 -8.06 12.97
N ASP B 193 -25.22 -7.69 13.65
CA ASP B 193 -25.13 -7.35 15.06
C ASP B 193 -24.65 -8.55 15.86
N LYS B 194 -23.72 -8.31 16.80
CA LYS B 194 -23.15 -9.40 17.58
C LYS B 194 -24.23 -10.22 18.26
N SER B 195 -25.29 -9.57 18.73
CA SER B 195 -26.36 -10.29 19.41
C SER B 195 -26.97 -11.35 18.50
N ARG B 196 -27.16 -11.02 17.22
CA ARG B 196 -27.71 -12.01 16.30
C ARG B 196 -26.78 -13.20 16.15
N TRP B 197 -25.47 -12.98 16.23
CA TRP B 197 -24.55 -14.09 16.09
C TRP B 197 -24.58 -15.01 17.31
N GLN B 198 -24.61 -14.42 18.52
CA GLN B 198 -24.70 -15.27 19.71
C GLN B 198 -26.10 -15.75 20.00
N GLN B 199 -27.15 -15.26 19.32
CA GLN B 199 -28.39 -15.98 19.54
C GLN B 199 -28.35 -17.37 18.92
N GLY B 200 -27.37 -17.62 18.05
CA GLY B 200 -27.27 -18.89 17.38
C GLY B 200 -28.02 -18.94 16.08
N ASN B 201 -28.35 -17.79 15.50
CA ASN B 201 -28.96 -17.72 14.19
C ASN B 201 -28.06 -18.40 13.16
N VAL B 202 -28.69 -19.02 12.18
CA VAL B 202 -27.99 -19.70 11.09
C VAL B 202 -27.93 -18.75 9.91
N PHE B 203 -26.71 -18.55 9.39
CA PHE B 203 -26.46 -17.71 8.22
C PHE B 203 -25.91 -18.59 7.11
N SER B 204 -26.29 -18.29 5.86
CA SER B 204 -25.91 -19.10 4.73
C SER B 204 -25.25 -18.27 3.64
N CYS B 205 -24.16 -18.79 3.10
CA CYS B 205 -23.49 -18.23 1.94
C CYS B 205 -23.90 -19.03 0.70
N SER B 206 -24.47 -18.33 -0.28
CA SER B 206 -24.95 -18.95 -1.52
C SER B 206 -24.00 -18.58 -2.66
N VAL B 207 -23.62 -19.58 -3.45
CA VAL B 207 -22.67 -19.39 -4.55
C VAL B 207 -23.31 -19.90 -5.83
N MET B 208 -23.16 -19.13 -6.91
CA MET B 208 -23.71 -19.47 -8.21
C MET B 208 -22.58 -19.48 -9.24
N HIS B 209 -22.42 -20.60 -9.92
CA HIS B 209 -21.31 -20.78 -10.85
C HIS B 209 -21.64 -21.93 -11.79
N GLU B 210 -21.12 -21.84 -13.02
CA GLU B 210 -21.47 -22.84 -14.03
C GLU B 210 -20.93 -24.23 -13.71
N ALA B 211 -19.88 -24.33 -12.90
CA ALA B 211 -19.27 -25.62 -12.60
C ALA B 211 -19.94 -26.32 -11.42
N LEU B 212 -20.90 -25.69 -10.77
CA LEU B 212 -21.69 -26.32 -9.72
C LEU B 212 -22.82 -27.12 -10.35
N LYS B 213 -23.18 -28.23 -9.70
CA LYS B 213 -24.37 -28.95 -10.10
C LYS B 213 -25.60 -28.08 -9.89
N PHE B 214 -26.43 -27.96 -10.93
CA PHE B 214 -27.58 -27.06 -10.94
C PHE B 214 -27.17 -25.60 -10.72
N HIS B 215 -25.90 -25.29 -10.95
CA HIS B 215 -25.35 -23.93 -10.91
C HIS B 215 -25.53 -23.24 -9.55
N TYR B 216 -25.62 -24.01 -8.47
CA TYR B 216 -25.91 -23.44 -7.17
C TYR B 216 -25.30 -24.31 -6.08
N THR B 217 -24.82 -23.67 -5.02
CA THR B 217 -24.43 -24.37 -3.81
C THR B 217 -24.59 -23.42 -2.63
N GLN B 218 -24.59 -24.01 -1.44
CA GLN B 218 -24.91 -23.31 -0.21
C GLN B 218 -24.03 -23.83 0.92
N LYS B 219 -23.57 -22.92 1.79
CA LYS B 219 -22.87 -23.32 3.00
C LYS B 219 -23.36 -22.45 4.15
N SER B 220 -23.65 -23.07 5.28
CA SER B 220 -24.23 -22.39 6.43
C SER B 220 -23.17 -22.12 7.50
N LEU B 221 -23.53 -21.25 8.43
CA LEU B 221 -22.60 -20.78 9.45
C LEU B 221 -23.40 -20.32 10.66
N SER B 222 -23.03 -20.83 11.83
CA SER B 222 -23.69 -20.43 13.06
C SER B 222 -22.74 -20.69 14.23
N LEU B 223 -23.05 -20.08 15.36
CA LEU B 223 -22.22 -20.20 16.55
C LEU B 223 -22.00 -21.65 16.92
N SER B 224 -20.75 -22.03 17.13
CA SER B 224 -20.39 -23.41 17.43
C SER B 224 -20.31 -23.67 18.93
N GLY C 17 41.58 32.42 9.63
CA GLY C 17 40.63 31.88 8.67
C GLY C 17 39.38 31.28 9.29
N PRO C 18 38.30 31.20 8.52
CA PRO C 18 37.07 30.54 9.03
C PRO C 18 37.27 29.04 9.26
N SER C 19 36.49 28.51 10.20
CA SER C 19 36.46 27.09 10.52
C SER C 19 35.07 26.52 10.26
N VAL C 20 35.04 25.25 9.84
CA VAL C 20 33.81 24.58 9.42
C VAL C 20 33.56 23.35 10.29
N PHE C 21 32.31 23.17 10.70
CA PHE C 21 31.85 22.01 11.46
C PHE C 21 30.59 21.45 10.81
N LEU C 22 30.61 20.15 10.51
CA LEU C 22 29.52 19.47 9.80
C LEU C 22 28.81 18.52 10.77
N PHE C 23 27.51 18.75 10.98
CA PHE C 23 26.84 17.96 12.01
C PHE C 23 25.89 16.94 11.39
N PRO C 24 25.79 15.75 11.99
CA PRO C 24 24.90 14.72 11.44
C PRO C 24 23.47 15.03 11.79
N PRO C 25 22.51 14.30 11.24
CA PRO C 25 21.16 14.46 11.72
C PRO C 25 21.02 13.85 13.10
N LYS C 26 19.97 14.28 13.73
CA LYS C 26 19.43 13.80 14.97
C LYS C 26 18.95 12.38 14.77
N PRO C 27 19.41 11.37 15.56
CA PRO C 27 19.13 9.96 15.19
C PRO C 27 17.65 9.61 15.03
N LYS C 28 16.80 10.14 15.88
CA LYS C 28 15.37 9.85 15.78
C LYS C 28 14.75 10.52 14.56
N ASP C 29 15.39 11.53 13.97
CA ASP C 29 14.86 12.08 12.73
C ASP C 29 14.97 11.06 11.59
N THR C 30 16.02 10.26 11.56
CA THR C 30 16.11 9.21 10.57
C THR C 30 15.13 8.04 10.84
N LEU C 31 14.75 7.73 12.10
CA LEU C 31 13.97 6.49 12.30
C LEU C 31 12.48 6.70 12.18
N TYR C 32 11.99 7.95 12.20
CA TYR C 32 10.56 8.23 12.10
C TYR C 32 10.32 8.84 10.72
N ILE C 33 9.41 8.24 9.94
CA ILE C 33 9.23 8.66 8.56
C ILE C 33 8.61 10.05 8.46
N THR C 34 7.92 10.51 9.51
CA THR C 34 7.28 11.82 9.51
C THR C 34 8.24 12.94 9.88
N ARG C 35 9.45 12.61 10.34
CA ARG C 35 10.42 13.60 10.78
C ARG C 35 11.39 13.87 9.63
N GLU C 36 12.11 14.99 9.74
CA GLU C 36 12.97 15.44 8.65
C GLU C 36 14.43 15.46 9.06
N PRO C 37 15.24 14.51 8.61
CA PRO C 37 16.66 14.49 8.98
C PRO C 37 17.45 15.47 8.12
N GLU C 38 18.42 16.14 8.76
CA GLU C 38 19.21 17.20 8.12
C GLU C 38 20.65 17.13 8.55
N VAL C 39 21.57 17.40 7.62
CA VAL C 39 22.98 17.62 7.94
C VAL C 39 23.23 19.13 7.90
N THR C 40 23.97 19.63 8.90
CA THR C 40 24.14 21.07 9.10
C THR C 40 25.61 21.44 8.98
N CYS C 41 25.93 22.36 8.07
CA CYS C 41 27.28 22.84 7.83
C CYS C 41 27.39 24.24 8.41
N VAL C 42 28.22 24.40 9.45
CA VAL C 42 28.35 25.64 10.21
C VAL C 42 29.74 26.21 9.96
N VAL C 43 29.80 27.48 9.58
CA VAL C 43 31.05 28.20 9.37
C VAL C 43 31.14 29.32 10.38
N VAL C 44 32.19 29.30 11.20
CA VAL C 44 32.45 30.37 12.16
C VAL C 44 33.76 31.07 11.78
N ASP C 45 34.02 32.20 12.46
CA ASP C 45 35.22 33.01 12.24
C ASP C 45 35.26 33.59 10.83
N VAL C 46 34.09 33.93 10.29
CA VAL C 46 34.01 34.66 9.03
C VAL C 46 34.28 36.13 9.29
N SER C 47 35.23 36.70 8.57
CA SER C 47 35.72 38.05 8.85
C SER C 47 34.77 39.11 8.30
N HIS C 48 34.91 40.33 8.83
CA HIS C 48 34.16 41.45 8.30
C HIS C 48 34.62 41.84 6.91
N GLU C 49 35.92 41.68 6.64
CA GLU C 49 36.47 42.06 5.34
C GLU C 49 36.09 41.09 4.23
N ASP C 50 35.94 39.81 4.57
CA ASP C 50 35.63 38.77 3.59
C ASP C 50 34.38 38.04 4.04
N PRO C 51 33.22 38.68 3.90
CA PRO C 51 32.01 38.13 4.47
C PRO C 51 31.35 37.08 3.60
N GLU C 52 31.83 36.89 2.36
CA GLU C 52 31.04 36.12 1.40
C GLU C 52 31.34 34.65 1.64
N VAL C 53 30.32 33.81 1.71
CA VAL C 53 30.56 32.38 1.90
C VAL C 53 29.74 31.60 0.88
N LYS C 54 30.39 30.71 0.14
CA LYS C 54 29.71 29.86 -0.82
C LYS C 54 29.70 28.41 -0.33
N PHE C 55 28.55 27.75 -0.45
CA PHE C 55 28.39 26.36 -0.06
C PHE C 55 28.12 25.53 -1.31
N ASN C 56 28.87 24.45 -1.49
CA ASN C 56 28.55 23.40 -2.44
C ASN C 56 28.36 22.10 -1.67
N TRP C 57 27.29 21.38 -2.01
CA TRP C 57 26.91 20.14 -1.32
C TRP C 57 26.95 18.97 -2.29
N TYR C 58 27.41 17.81 -1.81
CA TYR C 58 27.51 16.62 -2.62
C TYR C 58 27.02 15.41 -1.85
N VAL C 59 26.25 14.56 -2.53
CA VAL C 59 25.80 13.29 -1.98
C VAL C 59 26.44 12.19 -2.83
N ASP C 60 27.36 11.43 -2.23
CA ASP C 60 28.13 10.41 -2.95
C ASP C 60 28.81 11.01 -4.18
N GLY C 61 29.28 12.25 -4.04
CA GLY C 61 29.98 12.92 -5.12
C GLY C 61 29.11 13.66 -6.10
N VAL C 62 27.78 13.51 -6.02
CA VAL C 62 26.87 14.19 -6.93
C VAL C 62 26.40 15.48 -6.28
N GLU C 63 26.65 16.61 -6.95
CA GLU C 63 26.23 17.89 -6.41
C GLU C 63 24.71 17.98 -6.34
N VAL C 64 24.20 18.51 -5.22
CA VAL C 64 22.77 18.73 -5.02
C VAL C 64 22.55 20.20 -4.74
N HIS C 65 21.30 20.63 -4.96
CA HIS C 65 20.99 22.05 -4.96
C HIS C 65 19.84 22.42 -4.03
N ASN C 66 19.37 21.49 -3.19
CA ASN C 66 18.24 21.76 -2.32
C ASN C 66 18.64 22.30 -0.94
N ALA C 67 19.90 22.66 -0.73
CA ALA C 67 20.31 23.12 0.59
C ALA C 67 19.76 24.53 0.85
N LYS C 68 19.48 24.81 2.12
CA LYS C 68 18.96 26.09 2.56
C LYS C 68 20.05 26.79 3.39
N THR C 69 20.52 27.92 2.89
CA THR C 69 21.54 28.69 3.58
C THR C 69 20.86 29.78 4.41
N LYS C 70 21.30 29.93 5.64
CA LYS C 70 20.71 30.91 6.54
C LYS C 70 21.46 32.23 6.42
N PRO C 71 20.85 33.33 6.87
CA PRO C 71 21.55 34.62 6.80
C PRO C 71 22.68 34.71 7.79
N ARG C 72 23.74 35.43 7.39
CA ARG C 72 24.90 35.64 8.25
C ARG C 72 24.48 36.20 9.60
N GLU C 73 25.06 35.67 10.67
CA GLU C 73 24.76 36.11 12.02
C GLU C 73 26.03 36.68 12.63
N GLU C 74 25.99 37.95 13.04
CA GLU C 74 27.17 38.54 13.65
C GLU C 74 27.27 38.07 15.08
N GLN C 75 28.48 37.69 15.50
CA GLN C 75 28.72 37.13 16.83
C GLN C 75 29.33 38.19 17.74
N TYR C 76 29.43 37.85 19.03
CA TYR C 76 29.90 38.81 20.02
C TYR C 76 31.35 39.23 19.78
N ASN C 77 32.18 38.31 19.27
CA ASN C 77 33.57 38.60 19.00
C ASN C 77 33.80 39.19 17.62
N SER C 78 32.78 39.80 17.04
CA SER C 78 32.91 40.58 15.80
C SER C 78 33.33 39.69 14.62
N THR C 79 32.80 38.47 14.58
CA THR C 79 32.92 37.63 13.40
C THR C 79 31.54 37.11 13.05
N TYR C 80 31.42 36.51 11.87
CA TYR C 80 30.14 35.98 11.42
C TYR C 80 30.08 34.47 11.57
N ARG C 81 28.85 33.98 11.79
CA ARG C 81 28.50 32.58 11.73
C ARG C 81 27.54 32.39 10.57
N VAL C 82 27.87 31.45 9.68
CA VAL C 82 27.05 31.18 8.50
C VAL C 82 26.73 29.69 8.47
N VAL C 83 25.46 29.37 8.29
CA VAL C 83 24.95 28.00 8.43
C VAL C 83 24.19 27.62 7.16
N SER C 84 24.45 26.42 6.64
CA SER C 84 23.68 25.83 5.55
C SER C 84 23.15 24.47 5.98
N VAL C 85 21.88 24.21 5.68
CA VAL C 85 21.16 23.03 6.16
C VAL C 85 20.68 22.23 4.95
N LEU C 86 21.11 20.97 4.88
CA LEU C 86 20.72 20.06 3.80
C LEU C 86 19.84 18.95 4.36
N THR C 87 18.62 18.83 3.83
CA THR C 87 17.74 17.73 4.17
C THR C 87 18.22 16.46 3.48
N VAL C 88 18.39 15.39 4.24
CA VAL C 88 18.85 14.12 3.70
C VAL C 88 17.64 13.19 3.57
N LEU C 89 17.62 12.39 2.51
CA LEU C 89 16.60 11.36 2.42
C LEU C 89 16.85 10.32 3.50
N HIS C 90 15.76 9.88 4.14
CA HIS C 90 15.86 8.86 5.19
C HIS C 90 16.69 7.67 4.72
N GLN C 91 16.30 7.08 3.59
CA GLN C 91 16.97 5.87 3.11
C GLN C 91 18.42 6.15 2.70
N ASP C 92 18.70 7.37 2.21
CA ASP C 92 20.06 7.70 1.83
C ASP C 92 20.99 7.70 3.02
N TRP C 93 20.55 8.31 4.14
CA TRP C 93 21.39 8.32 5.33
C TRP C 93 21.60 6.92 5.86
N LEU C 94 20.54 6.12 5.93
CA LEU C 94 20.62 4.77 6.46
C LEU C 94 21.37 3.82 5.54
N ASN C 95 21.36 4.07 4.24
CA ASN C 95 22.10 3.19 3.34
C ASN C 95 23.57 3.54 3.24
N GLY C 96 24.03 4.50 4.04
CA GLY C 96 25.42 4.83 4.14
C GLY C 96 25.91 5.80 3.09
N LYS C 97 25.03 6.63 2.54
CA LYS C 97 25.50 7.64 1.62
C LYS C 97 26.34 8.66 2.36
N GLU C 98 27.29 9.24 1.65
CA GLU C 98 28.30 10.10 2.22
C GLU C 98 28.02 11.54 1.83
N TYR C 99 28.02 12.45 2.81
CA TYR C 99 27.62 13.84 2.61
C TYR C 99 28.82 14.77 2.75
N LYS C 100 29.06 15.58 1.73
CA LYS C 100 30.18 16.49 1.70
C LYS C 100 29.71 17.93 1.60
N CYS C 101 30.16 18.77 2.53
CA CYS C 101 29.96 20.20 2.48
C CYS C 101 31.28 20.85 2.09
N LYS C 102 31.27 21.67 1.04
CA LYS C 102 32.45 22.39 0.58
C LYS C 102 32.21 23.89 0.77
N VAL C 103 33.12 24.54 1.49
CA VAL C 103 32.95 25.93 1.89
C VAL C 103 34.06 26.78 1.27
N SER C 104 33.66 27.81 0.54
CA SER C 104 34.59 28.73 -0.12
C SER C 104 34.46 30.13 0.47
N ASN C 105 35.60 30.76 0.71
CA ASN C 105 35.65 32.11 1.27
C ASN C 105 36.96 32.74 0.84
N LYS C 106 36.95 34.05 0.57
CA LYS C 106 38.15 34.71 0.04
C LYS C 106 39.31 34.69 1.03
N ALA C 107 39.04 34.54 2.33
CA ALA C 107 40.13 34.45 3.29
C ALA C 107 40.74 33.06 3.34
N LEU C 108 40.22 32.09 2.57
CA LEU C 108 40.79 30.75 2.59
C LEU C 108 41.68 30.54 1.37
N PRO C 109 42.90 30.03 1.57
CA PRO C 109 43.75 29.71 0.42
C PRO C 109 43.14 28.69 -0.51
N ALA C 110 42.39 27.74 0.05
CA ALA C 110 41.68 26.73 -0.71
C ALA C 110 40.36 26.43 0.00
N PRO C 111 39.35 25.99 -0.73
CA PRO C 111 38.06 25.68 -0.09
C PRO C 111 38.21 24.57 0.93
N ILE C 112 37.38 24.62 1.96
CA ILE C 112 37.36 23.60 3.01
C ILE C 112 36.21 22.64 2.75
N GLU C 113 36.52 21.34 2.75
CA GLU C 113 35.55 20.28 2.53
C GLU C 113 35.44 19.47 3.81
N LYS C 114 34.22 19.19 4.23
CA LYS C 114 33.97 18.30 5.35
C LYS C 114 32.99 17.24 4.88
N THR C 115 33.20 16.03 5.36
CA THR C 115 32.38 14.91 4.95
C THR C 115 31.82 14.25 6.20
N ILE C 116 30.57 13.79 6.11
CA ILE C 116 29.94 13.09 7.21
C ILE C 116 29.10 11.95 6.67
N SER C 117 28.98 10.90 7.47
CA SER C 117 28.26 9.70 7.08
C SER C 117 27.84 8.96 8.34
N LYS C 118 26.96 7.97 8.15
CA LYS C 118 26.53 7.11 9.23
C LYS C 118 27.65 6.16 9.64
N ALA C 119 27.64 5.77 10.92
CA ALA C 119 28.60 4.79 11.40
C ALA C 119 28.49 3.50 10.59
N LYS C 120 29.64 2.98 10.15
CA LYS C 120 29.74 1.73 9.42
C LYS C 120 29.91 0.55 10.36
N GLY C 121 29.67 -0.64 9.82
CA GLY C 121 29.76 -1.84 10.64
C GLY C 121 28.52 -2.68 10.49
N GLN C 122 28.66 -3.97 10.72
CA GLN C 122 27.55 -4.88 10.53
C GLN C 122 26.40 -4.53 11.46
N PRO C 123 25.20 -4.29 10.94
CA PRO C 123 24.06 -4.03 11.83
C PRO C 123 23.74 -5.26 12.64
N ARG C 124 23.35 -5.05 13.90
CA ARG C 124 23.03 -6.12 14.83
C ARG C 124 21.68 -5.82 15.45
N GLU C 125 20.83 -6.81 15.48
CA GLU C 125 19.44 -6.65 15.87
C GLU C 125 19.31 -6.53 17.38
N PRO C 126 18.54 -5.57 17.88
CA PRO C 126 18.36 -5.45 19.33
C PRO C 126 17.60 -6.63 19.91
N GLN C 127 17.99 -7.03 21.10
CA GLN C 127 17.23 -7.97 21.90
C GLN C 127 16.51 -7.17 22.96
N VAL C 128 15.19 -7.34 23.05
CA VAL C 128 14.33 -6.51 23.91
C VAL C 128 13.78 -7.37 25.03
N TYR C 129 13.99 -6.97 26.27
CA TYR C 129 13.54 -7.71 27.44
C TYR C 129 12.84 -6.76 28.40
N THR C 130 11.66 -7.14 28.87
CA THR C 130 10.95 -6.36 29.88
C THR C 130 11.16 -6.93 31.28
N LEU C 131 11.29 -6.03 32.25
CA LEU C 131 11.56 -6.39 33.64
C LEU C 131 10.51 -5.76 34.52
N PRO C 132 9.80 -6.53 35.35
CA PRO C 132 8.80 -5.96 36.27
C PRO C 132 9.48 -5.19 37.40
N PRO C 133 8.72 -4.48 38.24
CA PRO C 133 9.36 -3.79 39.37
C PRO C 133 10.04 -4.77 40.31
N SER C 134 11.10 -4.31 40.97
CA SER C 134 11.69 -5.08 42.04
C SER C 134 10.70 -5.24 43.18
N ARG C 135 10.76 -6.38 43.85
CA ARG C 135 9.85 -6.63 44.96
C ARG C 135 9.90 -5.51 45.99
N ASP C 136 11.10 -5.01 46.27
CA ASP C 136 11.25 -3.98 47.29
C ASP C 136 10.65 -2.65 46.87
N GLU C 137 10.44 -2.42 45.57
CA GLU C 137 9.82 -1.18 45.12
C GLU C 137 8.29 -1.19 45.28
N LEU C 138 7.69 -2.37 45.46
CA LEU C 138 6.23 -2.46 45.63
C LEU C 138 5.74 -1.76 46.88
N THR C 139 6.62 -1.36 47.80
CA THR C 139 6.18 -0.60 48.95
C THR C 139 5.82 0.83 48.59
N LYS C 140 6.24 1.30 47.42
CA LYS C 140 6.08 2.69 47.02
C LYS C 140 4.78 2.91 46.25
N ASN C 141 4.39 4.17 46.17
CA ASN C 141 3.16 4.57 45.50
C ASN C 141 3.28 4.49 43.99
N GLN C 142 4.50 4.56 43.45
CA GLN C 142 4.77 4.43 42.03
C GLN C 142 5.89 3.42 41.83
N VAL C 143 5.80 2.66 40.74
CA VAL C 143 6.75 1.59 40.46
C VAL C 143 7.43 1.84 39.12
N SER C 144 8.53 1.13 38.88
CA SER C 144 9.36 1.30 37.69
C SER C 144 9.21 0.08 36.79
N LEU C 145 8.74 0.29 35.57
CA LEU C 145 8.74 -0.74 34.55
C LEU C 145 9.95 -0.53 33.66
N THR C 146 10.73 -1.58 33.46
CA THR C 146 12.03 -1.48 32.82
C THR C 146 12.04 -2.24 31.50
N CYS C 147 12.63 -1.63 30.49
CA CYS C 147 12.84 -2.26 29.19
C CYS C 147 14.34 -2.29 28.92
N LEU C 148 14.90 -3.49 28.81
CA LEU C 148 16.31 -3.67 28.49
C LEU C 148 16.44 -4.00 27.02
N VAL C 149 17.20 -3.19 26.29
CA VAL C 149 17.44 -3.36 24.87
C VAL C 149 18.94 -3.52 24.68
N LYS C 150 19.37 -4.67 24.16
CA LYS C 150 20.79 -4.96 24.15
C LYS C 150 21.22 -5.58 22.82
N GLY C 151 22.52 -5.56 22.59
CA GLY C 151 23.12 -6.18 21.42
C GLY C 151 22.82 -5.52 20.08
N PHE C 152 22.55 -4.22 20.06
CA PHE C 152 22.21 -3.61 18.78
C PHE C 152 23.37 -2.79 18.24
N TYR C 153 23.45 -2.72 16.91
CA TYR C 153 24.42 -1.91 16.20
C TYR C 153 23.75 -1.48 14.91
N PRO C 154 23.85 -0.21 14.51
CA PRO C 154 24.54 0.85 15.23
C PRO C 154 23.70 1.39 16.37
N SER C 155 24.20 2.43 17.05
CA SER C 155 23.56 2.92 18.27
C SER C 155 22.27 3.72 18.02
N ASP C 156 21.98 4.10 16.77
CA ASP C 156 20.76 4.84 16.47
C ASP C 156 19.53 3.98 16.77
N ILE C 157 18.64 4.47 17.64
CA ILE C 157 17.53 3.67 18.14
C ILE C 157 16.49 4.62 18.73
N ALA C 158 15.24 4.16 18.79
CA ALA C 158 14.16 4.89 19.46
C ALA C 158 13.34 3.91 20.29
N VAL C 159 12.93 4.35 21.49
CA VAL C 159 12.15 3.53 22.40
C VAL C 159 10.96 4.37 22.89
N GLU C 160 9.78 3.75 22.90
CA GLU C 160 8.56 4.39 23.39
C GLU C 160 7.79 3.35 24.20
N TRP C 161 6.79 3.82 24.95
CA TRP C 161 5.94 2.93 25.73
C TRP C 161 4.47 3.18 25.41
N GLU C 162 3.67 2.11 25.42
CA GLU C 162 2.23 2.23 25.24
C GLU C 162 1.50 1.34 26.24
N SER C 163 0.21 1.64 26.40
CA SER C 163 -0.71 0.78 27.15
C SER C 163 -2.08 0.89 26.52
N ASN C 164 -2.66 -0.26 26.17
CA ASN C 164 -4.02 -0.31 25.61
C ASN C 164 -4.20 0.60 24.41
N GLY C 165 -3.24 0.54 23.49
CA GLY C 165 -3.29 1.33 22.27
C GLY C 165 -2.96 2.79 22.43
N GLN C 166 -2.72 3.26 23.66
CA GLN C 166 -2.43 4.65 23.97
C GLN C 166 -0.99 4.85 24.43
N PRO C 167 -0.36 5.96 24.04
CA PRO C 167 1.01 6.23 24.47
C PRO C 167 1.11 6.47 25.97
N GLU C 168 2.20 5.97 26.56
CA GLU C 168 2.56 6.30 27.94
C GLU C 168 3.74 7.25 27.86
N ASN C 169 3.67 8.36 28.57
CA ASN C 169 4.64 9.43 28.42
C ASN C 169 5.58 9.61 29.61
N ASN C 170 5.30 8.97 30.74
CA ASN C 170 6.10 9.15 31.96
C ASN C 170 7.29 8.19 31.99
N TYR C 171 8.17 8.31 31.02
CA TYR C 171 9.33 7.44 30.94
C TYR C 171 10.59 8.23 30.59
N LYS C 172 11.73 7.62 30.90
CA LYS C 172 13.03 8.15 30.54
C LYS C 172 13.88 6.98 30.07
N THR C 173 14.73 7.25 29.09
CA THR C 173 15.55 6.21 28.47
C THR C 173 17.01 6.66 28.53
N THR C 174 17.89 5.74 28.93
CA THR C 174 19.30 6.06 28.98
C THR C 174 19.85 6.18 27.56
N PRO C 175 20.95 6.89 27.38
CA PRO C 175 21.62 6.85 26.08
C PRO C 175 22.19 5.47 25.84
N PRO C 176 22.45 5.11 24.59
CA PRO C 176 23.10 3.81 24.34
C PRO C 176 24.47 3.75 25.02
N VAL C 177 24.82 2.56 25.47
CA VAL C 177 26.11 2.32 26.13
C VAL C 177 26.84 1.24 25.35
N LEU C 178 28.11 1.49 25.06
CA LEU C 178 28.92 0.51 24.36
C LEU C 178 29.20 -0.67 25.29
N ASP C 179 28.84 -1.87 24.85
CA ASP C 179 29.06 -3.10 25.60
C ASP C 179 30.41 -3.71 25.24
N SER C 180 30.80 -4.74 25.99
CA SER C 180 32.12 -5.32 25.80
C SER C 180 32.29 -6.03 24.46
N ASP C 181 31.20 -6.37 23.76
CA ASP C 181 31.32 -7.08 22.49
C ASP C 181 31.19 -6.16 21.28
N GLY C 182 31.14 -4.84 21.48
CA GLY C 182 31.04 -3.93 20.36
C GLY C 182 29.62 -3.50 20.01
N SER C 183 28.61 -4.14 20.59
CA SER C 183 27.23 -3.73 20.40
C SER C 183 26.86 -2.71 21.46
N PHE C 184 25.66 -2.17 21.38
CA PHE C 184 25.18 -1.21 22.34
C PHE C 184 24.02 -1.78 23.14
N PHE C 185 23.81 -1.23 24.33
CA PHE C 185 22.61 -1.52 25.10
C PHE C 185 22.11 -0.23 25.72
N LEU C 186 20.86 -0.28 26.16
CA LEU C 186 20.28 0.81 26.93
C LEU C 186 19.18 0.24 27.81
N TYR C 187 18.66 1.10 28.68
CA TYR C 187 17.48 0.79 29.48
C TYR C 187 16.48 1.93 29.36
N SER C 188 15.20 1.58 29.34
CA SER C 188 14.12 2.55 29.40
C SER C 188 13.29 2.27 30.65
N LYS C 189 12.98 3.33 31.39
CA LYS C 189 12.24 3.21 32.65
C LYS C 189 10.92 3.93 32.52
N LEU C 190 9.81 3.19 32.63
CA LEU C 190 8.48 3.78 32.67
C LEU C 190 8.00 3.78 34.12
N THR C 191 7.49 4.92 34.57
CA THR C 191 7.00 5.06 35.93
C THR C 191 5.48 5.13 35.90
N VAL C 192 4.84 4.23 36.64
CA VAL C 192 3.39 4.13 36.67
C VAL C 192 2.92 4.06 38.12
N ASP C 193 1.66 4.44 38.32
CA ASP C 193 1.03 4.25 39.61
C ASP C 193 0.98 2.76 39.91
N LYS C 194 1.32 2.41 41.16
CA LYS C 194 1.34 1.01 41.55
C LYS C 194 0.01 0.34 41.29
N SER C 195 -1.09 1.04 41.55
CA SER C 195 -2.43 0.47 41.38
C SER C 195 -2.69 0.05 39.95
N ARG C 196 -2.14 0.80 38.97
CA ARG C 196 -2.30 0.42 37.58
C ARG C 196 -1.55 -0.88 37.28
N TRP C 197 -0.36 -1.05 37.87
CA TRP C 197 0.36 -2.30 37.72
C TRP C 197 -0.36 -3.46 38.40
N GLN C 198 -0.90 -3.23 39.61
CA GLN C 198 -1.57 -4.30 40.33
C GLN C 198 -2.94 -4.64 39.77
N GLN C 199 -3.52 -3.78 38.94
CA GLN C 199 -4.77 -4.11 38.28
C GLN C 199 -4.60 -5.07 37.12
N GLY C 200 -3.37 -5.37 36.74
CA GLY C 200 -3.15 -6.27 35.62
C GLY C 200 -3.08 -5.59 34.28
N ASN C 201 -2.99 -4.26 34.24
N ASN C 201 -2.98 -4.27 34.24
CA ASN C 201 -2.87 -3.55 32.98
CA ASN C 201 -2.87 -3.56 32.97
C ASN C 201 -1.61 -4.00 32.25
C ASN C 201 -1.61 -3.98 32.24
N VAL C 202 -1.71 -4.09 30.92
CA VAL C 202 -0.60 -4.55 30.09
C VAL C 202 0.12 -3.33 29.53
N PHE C 203 1.44 -3.29 29.72
CA PHE C 203 2.29 -2.22 29.24
C PHE C 203 3.26 -2.78 28.21
N SER C 204 3.58 -1.98 27.19
CA SER C 204 4.40 -2.43 26.08
C SER C 204 5.57 -1.49 25.86
N CYS C 205 6.75 -2.08 25.67
CA CYS C 205 7.94 -1.38 25.27
C CYS C 205 8.12 -1.54 23.77
N SER C 206 8.13 -0.43 23.04
CA SER C 206 8.28 -0.44 21.59
C SER C 206 9.64 0.14 21.21
N VAL C 207 10.37 -0.55 20.34
CA VAL C 207 11.66 -0.03 19.89
C VAL C 207 11.73 -0.11 18.38
N MET C 208 12.34 0.91 17.79
CA MET C 208 12.54 1.04 16.35
C MET C 208 14.02 1.02 16.07
N HIS C 209 14.45 0.18 15.13
CA HIS C 209 15.87 0.03 14.82
C HIS C 209 15.98 -0.57 13.43
N GLU C 210 16.99 -0.15 12.68
CA GLU C 210 17.13 -0.55 11.29
C GLU C 210 17.41 -2.04 11.13
N ALA C 211 17.95 -2.70 12.15
CA ALA C 211 18.26 -4.13 12.04
C ALA C 211 17.09 -5.01 12.45
N LEU C 212 16.00 -4.44 12.97
CA LEU C 212 14.85 -5.25 13.29
C LEU C 212 14.07 -5.54 12.02
N LYS C 213 13.47 -6.73 11.97
CA LYS C 213 12.53 -7.01 10.91
C LYS C 213 11.36 -6.05 11.04
N PHE C 214 10.99 -5.42 9.92
CA PHE C 214 10.00 -4.34 9.87
C PHE C 214 10.44 -3.11 10.66
N HIS C 215 11.70 -3.05 11.07
CA HIS C 215 12.27 -1.93 11.83
C HIS C 215 11.53 -1.68 13.13
N TYR C 216 10.81 -2.68 13.64
CA TYR C 216 9.94 -2.47 14.79
C TYR C 216 9.80 -3.77 15.57
N THR C 217 9.78 -3.63 16.89
CA THR C 217 9.36 -4.74 17.73
C THR C 217 8.80 -4.19 19.02
N GLN C 218 8.01 -5.02 19.69
CA GLN C 218 7.23 -4.63 20.85
C GLN C 218 7.29 -5.78 21.83
N LYS C 219 7.47 -5.47 23.10
CA LYS C 219 7.48 -6.47 24.16
C LYS C 219 6.58 -5.97 25.28
N SER C 220 5.72 -6.84 25.77
CA SER C 220 4.71 -6.46 26.74
C SER C 220 5.13 -6.90 28.12
N LEU C 221 4.46 -6.34 29.12
CA LEU C 221 4.85 -6.51 30.51
C LEU C 221 3.61 -6.30 31.37
N SER C 222 3.30 -7.25 32.23
CA SER C 222 2.14 -7.10 33.09
C SER C 222 2.31 -8.02 34.29
N LEU C 223 1.47 -7.78 35.29
CA LEU C 223 1.57 -8.49 36.56
C LEU C 223 1.56 -9.99 36.34
N SER C 224 2.56 -10.66 36.92
CA SER C 224 2.68 -12.11 36.80
C SER C 224 2.08 -12.82 38.02
#